data_3DJ1
#
_entry.id   3DJ1
#
_cell.length_a   86.757
_cell.length_b   86.757
_cell.length_c   80.321
_cell.angle_alpha   90.00
_cell.angle_beta   90.00
_cell.angle_gamma   120.00
#
_symmetry.space_group_name_H-M   'H 3'
#
loop_
_entity.id
_entity.type
_entity.pdbx_description
1 polymer 'Tax1-binding protein 3'
2 non-polymer 'SULFATE ION'
3 water water
#
_entity_poly.entity_id   1
_entity_poly.type   'polypeptide(L)'
_entity_poly.pdbx_seq_one_letter_code
;MSYTPGQPVTAVVQRVEIHKLRQGENLILGFSIGGGIDQDPSQNPFSEDKTDKGIYVTRVSEGGPAEIAGLQIGDKIMQV
NGWDMTMVTHDQARKRLTKRSEEVVRLLVTRQSLQKAVQQSMLS
;
_entity_poly.pdbx_strand_id   A,B
#
# COMPACT_ATOMS: atom_id res chain seq x y z
N VAL A 9 10.45 -17.93 -11.66
CA VAL A 9 9.29 -17.67 -10.75
C VAL A 9 8.21 -18.71 -10.97
N THR A 10 7.19 -18.70 -10.11
CA THR A 10 6.10 -19.66 -10.24
C THR A 10 4.82 -18.93 -10.65
N ALA A 11 4.74 -17.65 -10.30
CA ALA A 11 3.57 -16.85 -10.63
C ALA A 11 3.39 -16.66 -12.14
N VAL A 12 2.17 -16.32 -12.53
CA VAL A 12 1.83 -16.10 -13.92
C VAL A 12 2.29 -14.70 -14.31
N VAL A 13 3.01 -14.59 -15.42
CA VAL A 13 3.47 -13.27 -15.85
C VAL A 13 2.93 -12.95 -17.24
N GLN A 14 2.55 -11.70 -17.42
CA GLN A 14 1.99 -11.22 -18.68
C GLN A 14 2.96 -10.26 -19.34
N ARG A 15 3.11 -10.37 -20.65
CA ARG A 15 3.99 -9.48 -21.39
C ARG A 15 3.14 -8.29 -21.82
N VAL A 16 3.59 -7.09 -21.47
CA VAL A 16 2.87 -5.87 -21.80
C VAL A 16 3.83 -4.97 -22.56
N GLU A 17 3.58 -4.81 -23.87
CA GLU A 17 4.44 -3.99 -24.71
C GLU A 17 3.79 -2.63 -24.90
N ILE A 18 4.52 -1.61 -24.47
CA ILE A 18 4.02 -0.25 -24.50
C ILE A 18 4.83 0.67 -25.39
N HIS A 19 4.18 1.23 -26.40
CA HIS A 19 4.88 2.17 -27.27
C HIS A 19 4.75 3.50 -26.54
N LYS A 20 5.88 4.08 -26.16
CA LYS A 20 5.86 5.34 -25.41
C LYS A 20 5.22 6.49 -26.15
N LEU A 21 4.61 7.40 -25.38
CA LEU A 21 4.01 8.59 -25.95
C LEU A 21 5.16 9.50 -26.31
N ARG A 22 4.93 10.46 -27.21
CA ARG A 22 5.97 11.38 -27.58
C ARG A 22 5.49 12.81 -27.34
N GLN A 23 6.37 13.65 -26.81
CA GLN A 23 6.04 15.04 -26.54
C GLN A 23 7.30 15.83 -26.85
N GLY A 24 7.33 16.44 -28.02
CA GLY A 24 8.51 17.17 -28.44
C GLY A 24 9.59 16.12 -28.67
N GLU A 25 10.70 16.26 -27.95
CA GLU A 25 11.80 15.33 -28.08
C GLU A 25 11.79 14.28 -26.97
N ASN A 26 10.78 14.34 -26.10
CA ASN A 26 10.66 13.41 -24.99
C ASN A 26 9.76 12.22 -25.29
N LEU A 27 10.04 11.10 -24.63
CA LEU A 27 9.22 9.91 -24.73
C LEU A 27 8.62 9.83 -23.32
N ILE A 28 7.31 9.60 -23.24
CA ILE A 28 6.62 9.51 -21.95
C ILE A 28 6.01 8.12 -21.78
N LEU A 29 6.09 7.59 -20.58
CA LEU A 29 5.59 6.25 -20.29
C LEU A 29 4.08 6.06 -20.26
N GLY A 30 3.36 7.04 -19.72
CA GLY A 30 1.93 6.88 -19.62
C GLY A 30 1.56 6.09 -18.38
N PHE A 31 2.53 5.96 -17.46
CA PHE A 31 2.32 5.28 -16.18
C PHE A 31 3.46 5.64 -15.24
N SER A 32 3.27 5.42 -13.95
CA SER A 32 4.28 5.73 -12.93
C SER A 32 4.56 4.51 -12.07
N ILE A 33 5.69 4.53 -11.38
CA ILE A 33 6.06 3.40 -10.53
C ILE A 33 6.45 3.81 -9.11
N GLY A 34 6.47 2.81 -8.24
CA GLY A 34 6.84 2.97 -6.84
C GLY A 34 7.66 1.75 -6.46
N GLY A 35 8.44 1.83 -5.39
CA GLY A 35 9.23 0.67 -4.97
C GLY A 35 10.73 0.78 -5.19
N GLY A 36 11.44 -0.33 -4.95
CA GLY A 36 12.88 -0.33 -5.11
C GLY A 36 13.54 -0.75 -3.81
N ILE A 37 14.71 -1.38 -3.90
CA ILE A 37 15.42 -1.85 -2.71
C ILE A 37 15.90 -0.74 -1.77
N ASP A 38 16.03 0.47 -2.30
CA ASP A 38 16.51 1.60 -1.51
C ASP A 38 15.39 2.52 -1.03
N GLN A 39 14.15 2.08 -1.23
CA GLN A 39 13.00 2.86 -0.81
C GLN A 39 12.29 2.21 0.38
N ASP A 40 11.52 3.01 1.11
CA ASP A 40 10.77 2.49 2.25
C ASP A 40 9.51 1.87 1.66
N PRO A 41 9.35 0.54 1.80
CA PRO A 41 8.18 -0.17 1.28
C PRO A 41 6.84 0.44 1.67
N SER A 42 6.82 1.15 2.79
CA SER A 42 5.59 1.77 3.26
C SER A 42 5.17 2.98 2.43
N GLN A 43 6.06 3.48 1.58
CA GLN A 43 5.75 4.62 0.73
C GLN A 43 4.95 4.11 -0.46
N ASN A 44 4.96 2.80 -0.62
CA ASN A 44 4.31 2.11 -1.72
C ASN A 44 3.06 1.34 -1.23
N PRO A 45 1.88 1.81 -1.61
CA PRO A 45 0.64 1.14 -1.19
C PRO A 45 0.47 -0.30 -1.66
N PHE A 46 1.29 -0.72 -2.63
CA PHE A 46 1.18 -2.07 -3.15
C PHE A 46 2.19 -3.09 -2.66
N SER A 47 3.15 -2.65 -1.84
CA SER A 47 4.13 -3.61 -1.33
C SER A 47 3.40 -4.50 -0.34
N GLU A 48 3.68 -5.80 -0.40
CA GLU A 48 3.02 -6.76 0.48
C GLU A 48 3.39 -6.58 1.94
N ASP A 49 4.64 -6.17 2.19
CA ASP A 49 5.12 -5.97 3.55
C ASP A 49 6.48 -5.29 3.55
N LYS A 50 7.04 -5.11 4.75
CA LYS A 50 8.33 -4.45 4.92
C LYS A 50 9.48 -5.10 4.15
N THR A 51 9.29 -6.33 3.69
CA THR A 51 10.34 -7.01 2.94
C THR A 51 10.11 -6.97 1.43
N ASP A 52 8.98 -6.40 1.02
CA ASP A 52 8.65 -6.32 -0.41
C ASP A 52 9.26 -5.07 -1.04
N LYS A 53 10.39 -5.27 -1.71
CA LYS A 53 11.11 -4.18 -2.36
C LYS A 53 10.83 -4.11 -3.86
N GLY A 54 9.82 -4.82 -4.33
CA GLY A 54 9.52 -4.82 -5.75
C GLY A 54 9.07 -3.50 -6.33
N ILE A 55 9.05 -3.44 -7.65
CA ILE A 55 8.62 -2.28 -8.41
C ILE A 55 7.15 -2.48 -8.76
N TYR A 56 6.30 -1.51 -8.44
CA TYR A 56 4.88 -1.63 -8.72
C TYR A 56 4.36 -0.44 -9.51
N VAL A 57 3.33 -0.67 -10.32
CA VAL A 57 2.72 0.40 -11.10
C VAL A 57 1.80 1.16 -10.15
N THR A 58 2.06 2.45 -9.96
CA THR A 58 1.27 3.27 -9.07
C THR A 58 0.23 4.15 -9.77
N ARG A 59 0.41 4.36 -11.07
CA ARG A 59 -0.52 5.17 -11.85
C ARG A 59 -0.51 4.73 -13.30
N VAL A 60 -1.66 4.86 -13.94
CA VAL A 60 -1.79 4.50 -15.35
C VAL A 60 -2.62 5.60 -16.02
N SER A 61 -2.02 6.27 -16.99
CA SER A 61 -2.69 7.36 -17.71
C SER A 61 -3.87 6.86 -18.50
N GLU A 62 -5.01 7.50 -18.27
CA GLU A 62 -6.26 7.16 -18.93
C GLU A 62 -6.16 7.23 -20.45
N GLY A 63 -6.50 6.14 -21.11
CA GLY A 63 -6.47 6.09 -22.56
C GLY A 63 -5.09 6.06 -23.16
N GLY A 64 -4.07 6.06 -22.30
CA GLY A 64 -2.69 6.04 -22.76
C GLY A 64 -2.24 4.68 -23.25
N PRO A 65 -1.01 4.58 -23.77
CA PRO A 65 -0.48 3.31 -24.29
C PRO A 65 -0.30 2.20 -23.26
N ALA A 66 -0.13 2.56 -21.99
CA ALA A 66 0.02 1.57 -20.94
C ALA A 66 -1.34 0.91 -20.67
N GLU A 67 -2.38 1.73 -20.54
CA GLU A 67 -3.73 1.22 -20.29
C GLU A 67 -4.17 0.31 -21.43
N ILE A 68 -3.92 0.75 -22.66
CA ILE A 68 -4.31 -0.03 -23.83
C ILE A 68 -3.59 -1.37 -23.90
N ALA A 69 -2.32 -1.39 -23.50
CA ALA A 69 -1.51 -2.61 -23.55
C ALA A 69 -1.81 -3.61 -22.44
N GLY A 70 -2.64 -3.24 -21.49
CA GLY A 70 -3.01 -4.14 -20.42
C GLY A 70 -2.41 -3.88 -19.05
N LEU A 71 -1.71 -2.76 -18.89
CA LEU A 71 -1.10 -2.43 -17.60
C LEU A 71 -2.15 -1.96 -16.62
N GLN A 72 -2.10 -2.49 -15.40
CA GLN A 72 -3.05 -2.12 -14.35
C GLN A 72 -2.33 -1.58 -13.12
N ILE A 73 -2.95 -0.61 -12.46
CA ILE A 73 -2.39 -0.04 -11.24
C ILE A 73 -2.24 -1.22 -10.27
N GLY A 74 -1.11 -1.29 -9.59
CA GLY A 74 -0.89 -2.37 -8.65
C GLY A 74 -0.10 -3.54 -9.23
N ASP A 75 0.12 -3.53 -10.55
CA ASP A 75 0.89 -4.60 -11.18
C ASP A 75 2.33 -4.56 -10.70
N LYS A 76 2.92 -5.73 -10.53
CA LYS A 76 4.31 -5.85 -10.11
C LYS A 76 5.14 -6.04 -11.37
N ILE A 77 6.13 -5.19 -11.58
CA ILE A 77 6.98 -5.29 -12.77
C ILE A 77 8.17 -6.17 -12.46
N MET A 78 8.26 -7.30 -13.15
CA MET A 78 9.33 -8.26 -12.95
C MET A 78 10.52 -8.00 -13.88
N GLN A 79 10.22 -7.49 -15.07
CA GLN A 79 11.26 -7.24 -16.06
C GLN A 79 10.89 -6.10 -17.00
N VAL A 80 11.91 -5.35 -17.44
CA VAL A 80 11.74 -4.24 -18.37
C VAL A 80 12.76 -4.41 -19.50
N ASN A 81 12.25 -4.59 -20.73
CA ASN A 81 13.10 -4.79 -21.89
C ASN A 81 14.23 -5.79 -21.65
N GLY A 82 13.90 -6.88 -20.97
CA GLY A 82 14.88 -7.91 -20.71
C GLY A 82 15.67 -7.77 -19.42
N TRP A 83 15.55 -6.62 -18.77
CA TRP A 83 16.27 -6.38 -17.53
C TRP A 83 15.46 -6.73 -16.29
N ASP A 84 16.07 -7.51 -15.39
CA ASP A 84 15.40 -7.93 -14.17
C ASP A 84 15.06 -6.71 -13.31
N MET A 85 13.85 -6.69 -12.76
CA MET A 85 13.38 -5.57 -11.94
C MET A 85 13.02 -6.00 -10.53
N THR A 86 13.36 -7.23 -10.17
CA THR A 86 13.05 -7.78 -8.86
C THR A 86 13.86 -7.17 -7.71
N MET A 87 15.13 -6.89 -7.96
CA MET A 87 15.97 -6.30 -6.93
C MET A 87 16.83 -5.18 -7.47
N VAL A 88 16.22 -4.01 -7.62
CA VAL A 88 16.90 -2.83 -8.12
C VAL A 88 16.44 -1.62 -7.33
N THR A 89 17.24 -0.55 -7.38
CA THR A 89 16.89 0.67 -6.69
C THR A 89 15.82 1.35 -7.53
N HIS A 90 15.11 2.30 -6.94
CA HIS A 90 14.08 3.00 -7.70
C HIS A 90 14.71 3.68 -8.92
N ASP A 91 15.87 4.29 -8.73
CA ASP A 91 16.52 4.98 -9.84
C ASP A 91 16.93 4.04 -10.98
N GLN A 92 17.36 2.84 -10.63
CA GLN A 92 17.74 1.86 -11.65
C GLN A 92 16.50 1.44 -12.43
N ALA A 93 15.39 1.29 -11.72
CA ALA A 93 14.13 0.91 -12.36
C ALA A 93 13.71 2.01 -13.32
N ARG A 94 13.81 3.25 -12.85
CA ARG A 94 13.45 4.41 -13.66
C ARG A 94 14.30 4.49 -14.92
N LYS A 95 15.58 4.20 -14.79
CA LYS A 95 16.46 4.25 -15.96
C LYS A 95 16.07 3.22 -17.01
N ARG A 96 15.86 1.97 -16.61
CA ARG A 96 15.48 0.94 -17.55
C ARG A 96 14.18 1.32 -18.27
N LEU A 97 13.31 2.02 -17.57
CA LEU A 97 12.04 2.43 -18.15
C LEU A 97 12.10 3.64 -19.07
N THR A 98 13.08 4.52 -18.85
CA THR A 98 13.15 5.74 -19.62
C THR A 98 14.32 5.92 -20.58
N LYS A 99 14.76 4.83 -21.20
CA LYS A 99 15.85 4.90 -22.16
C LYS A 99 15.36 5.63 -23.40
N ARG A 100 15.99 6.75 -23.73
CA ARG A 100 15.53 7.52 -24.88
C ARG A 100 15.63 6.78 -26.21
N SER A 101 16.57 5.85 -26.31
CA SER A 101 16.76 5.08 -27.54
C SER A 101 15.70 3.98 -27.69
N GLU A 102 14.90 3.78 -26.67
CA GLU A 102 13.88 2.75 -26.70
C GLU A 102 12.47 3.33 -26.77
N GLU A 103 11.88 3.27 -27.95
CA GLU A 103 10.54 3.80 -28.17
C GLU A 103 9.49 2.86 -27.60
N VAL A 104 9.89 1.62 -27.35
CA VAL A 104 8.98 0.63 -26.81
C VAL A 104 9.54 0.05 -25.52
N VAL A 105 8.68 -0.08 -24.52
CA VAL A 105 9.09 -0.68 -23.26
C VAL A 105 8.27 -1.96 -23.10
N ARG A 106 8.96 -3.10 -23.14
CA ARG A 106 8.33 -4.40 -23.02
C ARG A 106 8.44 -4.89 -21.59
N LEU A 107 7.33 -4.87 -20.88
CA LEU A 107 7.29 -5.28 -19.48
C LEU A 107 6.77 -6.69 -19.27
N LEU A 108 7.29 -7.34 -18.24
CA LEU A 108 6.79 -8.64 -17.83
C LEU A 108 6.21 -8.26 -16.47
N VAL A 109 4.90 -8.44 -16.30
CA VAL A 109 4.24 -8.08 -15.05
C VAL A 109 3.40 -9.20 -14.47
N THR A 110 2.98 -9.03 -13.22
CA THR A 110 2.15 -10.03 -12.58
C THR A 110 1.15 -9.36 -11.65
N ARG A 111 0.02 -10.02 -11.46
CA ARG A 111 -1.02 -9.53 -10.56
C ARG A 111 -1.79 -10.74 -10.06
N GLN A 112 -2.46 -10.58 -8.92
CA GLN A 112 -3.21 -11.67 -8.32
C GLN A 112 -4.20 -12.34 -9.27
N SER A 113 -4.99 -11.53 -9.97
CA SER A 113 -6.01 -12.05 -10.89
C SER A 113 -5.52 -12.95 -12.03
N LEU A 114 -4.24 -12.88 -12.36
CA LEU A 114 -3.70 -13.70 -13.44
C LEU A 114 -3.52 -15.15 -13.02
N GLN A 115 -3.36 -15.38 -11.73
CA GLN A 115 -3.10 -16.72 -11.25
C GLN A 115 -4.16 -17.76 -11.61
N LYS A 116 -5.40 -17.32 -11.85
CA LYS A 116 -6.45 -18.27 -12.22
C LYS A 116 -6.35 -18.69 -13.67
N ALA A 117 -5.64 -17.91 -14.47
CA ALA A 117 -5.46 -18.25 -15.88
C ALA A 117 -4.93 -19.69 -15.89
N VAL A 118 -4.18 -20.05 -14.86
CA VAL A 118 -3.64 -21.40 -14.79
C VAL A 118 -4.76 -22.40 -14.50
N GLN A 119 -5.71 -22.05 -13.63
CA GLN A 119 -6.80 -22.98 -13.34
C GLN A 119 -7.53 -23.25 -14.64
N GLN A 120 -7.94 -22.17 -15.30
CA GLN A 120 -8.67 -22.29 -16.55
C GLN A 120 -7.92 -23.08 -17.63
N SER A 121 -6.60 -22.97 -17.66
CA SER A 121 -5.83 -23.71 -18.65
C SER A 121 -6.06 -25.20 -18.44
N MET A 122 -6.21 -25.60 -17.19
CA MET A 122 -6.43 -27.01 -16.87
C MET A 122 -7.88 -27.43 -17.08
N LEU A 123 -8.78 -26.45 -17.19
CA LEU A 123 -10.21 -26.69 -17.41
C LEU A 123 -11.07 -25.60 -16.81
N THR B 10 -3.68 21.44 11.10
CA THR B 10 -3.48 20.16 10.41
C THR B 10 -3.42 19.13 11.53
N ALA B 11 -3.86 17.91 11.33
CA ALA B 11 -4.01 17.05 12.49
C ALA B 11 -2.90 16.77 13.42
N VAL B 12 -3.18 16.65 14.72
CA VAL B 12 -2.07 16.33 15.62
C VAL B 12 -2.08 14.79 15.66
N VAL B 13 -0.94 14.15 15.42
CA VAL B 13 -0.92 12.69 15.43
C VAL B 13 -0.06 12.10 16.56
N GLN B 14 -0.50 10.95 17.05
CA GLN B 14 0.16 10.25 18.13
C GLN B 14 0.60 8.87 17.66
N ARG B 15 1.84 8.51 18.01
CA ARG B 15 2.36 7.21 17.65
C ARG B 15 1.95 6.22 18.72
N VAL B 16 1.37 5.09 18.31
CA VAL B 16 0.93 4.07 19.24
C VAL B 16 1.57 2.74 18.82
N GLU B 17 2.54 2.28 19.61
CA GLU B 17 3.25 1.02 19.32
C GLU B 17 2.61 -0.10 20.12
N ILE B 18 2.10 -1.10 19.40
CA ILE B 18 1.43 -2.22 20.03
C ILE B 18 2.08 -3.58 19.79
N HIS B 19 2.46 -4.23 20.88
CA HIS B 19 3.02 -5.58 20.82
C HIS B 19 1.76 -6.44 20.92
N LYS B 20 1.40 -7.09 19.82
CA LYS B 20 0.19 -7.89 19.77
C LYS B 20 0.16 -8.97 20.84
N LEU B 21 -1.05 -9.32 21.25
CA LEU B 21 -1.22 -10.40 22.23
C LEU B 21 -1.00 -11.70 21.45
N ARG B 22 -0.69 -12.78 22.16
CA ARG B 22 -0.51 -14.07 21.48
C ARG B 22 -1.40 -15.10 22.14
N GLN B 23 -2.05 -15.92 21.31
CA GLN B 23 -2.90 -16.99 21.81
C GLN B 23 -2.52 -18.17 20.95
N GLY B 24 -1.65 -19.02 21.48
CA GLY B 24 -1.18 -20.17 20.74
C GLY B 24 -0.34 -19.66 19.59
N GLU B 25 -0.77 -19.99 18.37
CA GLU B 25 -0.07 -19.57 17.17
C GLU B 25 -0.67 -18.30 16.56
N ASN B 26 -1.72 -17.77 17.17
CA ASN B 26 -2.36 -16.57 16.66
C ASN B 26 -1.90 -15.29 17.34
N LEU B 27 -1.89 -14.20 16.59
CA LEU B 27 -1.53 -12.90 17.15
C LEU B 27 -2.87 -12.16 17.24
N ILE B 28 -3.09 -11.46 18.35
CA ILE B 28 -4.34 -10.76 18.56
C ILE B 28 -4.07 -9.27 18.77
N LEU B 29 -4.86 -8.42 18.13
CA LEU B 29 -4.67 -6.97 18.23
C LEU B 29 -5.05 -6.31 19.55
N GLY B 30 -6.21 -6.69 20.09
CA GLY B 30 -6.65 -6.07 21.32
C GLY B 30 -7.46 -4.83 21.00
N PHE B 31 -7.93 -4.73 19.75
CA PHE B 31 -8.77 -3.61 19.33
C PHE B 31 -9.37 -3.99 17.98
N SER B 32 -10.45 -3.32 17.61
CA SER B 32 -11.13 -3.59 16.35
C SER B 32 -11.27 -2.30 15.56
N ILE B 33 -11.45 -2.42 14.25
CA ILE B 33 -11.61 -1.25 13.41
C ILE B 33 -12.89 -1.25 12.58
N GLY B 34 -13.24 -0.07 12.10
CA GLY B 34 -14.42 0.10 11.26
C GLY B 34 -14.07 1.14 10.22
N GLY B 35 -14.94 1.34 9.24
CA GLY B 35 -14.68 2.33 8.21
C GLY B 35 -14.00 1.85 6.96
N GLY B 36 -13.56 2.80 6.14
CA GLY B 36 -12.90 2.46 4.89
C GLY B 36 -13.60 3.14 3.74
N ILE B 37 -12.88 3.31 2.63
CA ILE B 37 -13.44 3.97 1.45
C ILE B 37 -14.55 3.15 0.79
N ASP B 38 -14.71 1.90 1.22
CA ASP B 38 -15.74 1.03 0.66
C ASP B 38 -16.92 0.81 1.60
N GLN B 39 -16.97 1.58 2.68
CA GLN B 39 -18.06 1.46 3.65
C GLN B 39 -18.90 2.74 3.69
N ASP B 40 -20.08 2.65 4.30
CA ASP B 40 -20.97 3.78 4.43
C ASP B 40 -20.64 4.53 5.73
N PRO B 41 -20.09 5.75 5.61
CA PRO B 41 -19.72 6.55 6.79
C PRO B 41 -20.84 6.65 7.82
N SER B 42 -22.08 6.63 7.37
CA SER B 42 -23.23 6.73 8.27
C SER B 42 -23.29 5.53 9.21
N GLN B 43 -22.54 4.48 8.86
CA GLN B 43 -22.49 3.26 9.67
C GLN B 43 -21.57 3.49 10.85
N ASN B 44 -20.55 4.31 10.61
CA ASN B 44 -19.53 4.63 11.60
C ASN B 44 -20.01 5.70 12.58
N PRO B 45 -20.27 5.31 13.85
CA PRO B 45 -20.73 6.27 14.85
C PRO B 45 -19.67 7.32 15.17
N PHE B 46 -18.43 7.02 14.78
CA PHE B 46 -17.31 7.91 15.03
C PHE B 46 -16.95 8.82 13.85
N SER B 47 -17.58 8.58 12.71
CA SER B 47 -17.34 9.39 11.53
C SER B 47 -17.53 10.88 11.87
N ASP B 52 -16.92 11.14 6.28
CA ASP B 52 -15.56 10.64 6.56
C ASP B 52 -15.49 9.13 6.36
N LYS B 53 -14.62 8.70 5.44
CA LYS B 53 -14.44 7.29 5.13
C LYS B 53 -13.19 6.66 5.75
N GLY B 54 -12.53 7.39 6.64
CA GLY B 54 -11.32 6.87 7.26
C GLY B 54 -11.55 5.63 8.11
N ILE B 55 -10.44 5.04 8.52
CA ILE B 55 -10.44 3.85 9.36
C ILE B 55 -10.49 4.34 10.81
N TYR B 56 -11.40 3.76 11.59
CA TYR B 56 -11.59 4.16 12.98
C TYR B 56 -11.54 2.98 13.93
N VAL B 57 -11.10 3.24 15.16
CA VAL B 57 -11.04 2.21 16.19
C VAL B 57 -12.44 2.08 16.77
N THR B 58 -13.01 0.89 16.73
CA THR B 58 -14.36 0.68 17.23
C THR B 58 -14.42 0.03 18.61
N ARG B 59 -13.33 -0.64 19.00
CA ARG B 59 -13.26 -1.30 20.29
C ARG B 59 -11.81 -1.37 20.74
N VAL B 60 -11.61 -1.41 22.05
CA VAL B 60 -10.26 -1.53 22.61
C VAL B 60 -10.39 -2.48 23.79
N SER B 61 -9.65 -3.57 23.75
CA SER B 61 -9.69 -4.57 24.80
C SER B 61 -9.15 -4.06 26.13
N GLU B 62 -10.01 -4.09 27.14
CA GLU B 62 -9.66 -3.63 28.47
C GLU B 62 -8.37 -4.27 28.98
N GLY B 63 -7.43 -3.41 29.38
CA GLY B 63 -6.15 -3.88 29.91
C GLY B 63 -5.20 -4.47 28.88
N GLY B 64 -5.63 -4.49 27.62
CA GLY B 64 -4.81 -5.03 26.55
C GLY B 64 -3.68 -4.10 26.12
N PRO B 65 -2.78 -4.57 25.26
CA PRO B 65 -1.65 -3.75 24.82
C PRO B 65 -2.02 -2.51 24.02
N ALA B 66 -3.19 -2.49 23.39
CA ALA B 66 -3.60 -1.31 22.62
C ALA B 66 -3.98 -0.20 23.60
N GLU B 67 -4.71 -0.58 24.64
CA GLU B 67 -5.14 0.37 25.66
C GLU B 67 -3.90 0.90 26.38
N ILE B 68 -3.00 0.01 26.74
CA ILE B 68 -1.78 0.39 27.45
C ILE B 68 -0.91 1.32 26.61
N ALA B 69 -0.93 1.10 25.29
CA ALA B 69 -0.15 1.91 24.36
C ALA B 69 -0.76 3.27 24.04
N GLY B 70 -2.00 3.51 24.48
CA GLY B 70 -2.61 4.81 24.24
C GLY B 70 -3.73 4.88 23.21
N LEU B 71 -4.15 3.73 22.71
CA LEU B 71 -5.23 3.66 21.72
C LEU B 71 -6.59 3.87 22.40
N GLN B 72 -7.44 4.66 21.75
CA GLN B 72 -8.78 4.94 22.31
C GLN B 72 -9.86 4.65 21.27
N ILE B 73 -11.04 4.25 21.72
CA ILE B 73 -12.14 4.01 20.78
C ILE B 73 -12.40 5.33 20.08
N GLY B 74 -12.70 5.28 18.79
CA GLY B 74 -12.98 6.50 18.05
C GLY B 74 -11.74 7.10 17.40
N ASP B 75 -10.56 6.60 17.76
CA ASP B 75 -9.33 7.10 17.17
C ASP B 75 -9.33 6.89 15.66
N LYS B 76 -8.86 7.88 14.91
CA LYS B 76 -8.77 7.72 13.47
C LYS B 76 -7.37 7.23 13.17
N ILE B 77 -7.25 6.12 12.46
CA ILE B 77 -5.95 5.57 12.12
C ILE B 77 -5.46 6.18 10.81
N MET B 78 -4.37 6.93 10.90
CA MET B 78 -3.76 7.61 9.76
C MET B 78 -2.72 6.74 9.06
N GLN B 79 -1.99 5.96 9.84
CA GLN B 79 -0.95 5.09 9.31
C GLN B 79 -0.80 3.79 10.08
N VAL B 80 -0.37 2.76 9.38
CA VAL B 80 -0.12 1.45 9.98
C VAL B 80 1.27 1.06 9.48
N ASN B 81 2.23 0.99 10.39
CA ASN B 81 3.61 0.66 10.05
C ASN B 81 4.11 1.49 8.87
N GLY B 82 3.75 2.77 8.84
CA GLY B 82 4.19 3.63 7.75
C GLY B 82 3.27 3.75 6.56
N TRP B 83 2.41 2.76 6.35
CA TRP B 83 1.48 2.79 5.22
C TRP B 83 0.29 3.71 5.47
N ASP B 84 0.01 4.58 4.50
CA ASP B 84 -1.09 5.53 4.60
C ASP B 84 -2.42 4.77 4.65
N MET B 85 -3.27 5.11 5.61
CA MET B 85 -4.56 4.46 5.79
C MET B 85 -5.74 5.39 5.53
N THR B 86 -5.46 6.60 5.08
CA THR B 86 -6.51 7.58 4.84
C THR B 86 -7.45 7.27 3.67
N MET B 87 -7.00 6.46 2.72
CA MET B 87 -7.85 6.11 1.59
C MET B 87 -7.67 4.65 1.18
N VAL B 88 -8.09 3.74 2.05
CA VAL B 88 -7.98 2.32 1.79
C VAL B 88 -9.29 1.62 2.09
N THR B 89 -9.44 0.40 1.59
CA THR B 89 -10.65 -0.36 1.85
C THR B 89 -10.52 -0.89 3.27
N HIS B 90 -11.62 -1.39 3.82
CA HIS B 90 -11.59 -1.93 5.18
C HIS B 90 -10.65 -3.14 5.21
N ASP B 91 -10.74 -3.99 4.20
CA ASP B 91 -9.92 -5.19 4.12
C ASP B 91 -8.44 -4.88 3.96
N GLN B 92 -8.12 -3.84 3.20
CA GLN B 92 -6.72 -3.46 3.00
C GLN B 92 -6.13 -3.04 4.34
N ALA B 93 -6.92 -2.33 5.15
CA ALA B 93 -6.46 -1.89 6.46
C ALA B 93 -6.31 -3.14 7.34
N ARG B 94 -7.31 -4.01 7.32
CA ARG B 94 -7.26 -5.24 8.12
C ARG B 94 -6.02 -6.06 7.80
N LYS B 95 -5.72 -6.18 6.50
CA LYS B 95 -4.56 -6.95 6.08
C LYS B 95 -3.27 -6.39 6.68
N ARG B 96 -3.13 -5.07 6.66
CA ARG B 96 -1.94 -4.42 7.21
C ARG B 96 -1.82 -4.65 8.71
N LEU B 97 -2.96 -4.71 9.38
CA LEU B 97 -2.99 -4.88 10.83
C LEU B 97 -2.80 -6.31 11.31
N THR B 98 -3.10 -7.28 10.46
CA THR B 98 -3.02 -8.68 10.84
C THR B 98 -1.95 -9.59 10.23
N LYS B 99 -0.80 -9.03 9.87
CA LYS B 99 0.29 -9.82 9.31
C LYS B 99 0.78 -10.79 10.38
N ARG B 100 0.74 -12.08 10.08
CA ARG B 100 1.18 -13.10 11.02
C ARG B 100 2.67 -13.04 11.34
N SER B 101 3.46 -12.50 10.42
CA SER B 101 4.91 -12.42 10.62
C SER B 101 5.29 -11.20 11.43
N GLU B 102 4.31 -10.43 11.89
CA GLU B 102 4.58 -9.22 12.65
C GLU B 102 3.97 -9.18 14.05
N GLU B 103 4.82 -9.26 15.06
CA GLU B 103 4.37 -9.25 16.44
C GLU B 103 4.07 -7.85 16.93
N VAL B 104 4.49 -6.85 16.16
CA VAL B 104 4.28 -5.46 16.54
C VAL B 104 3.64 -4.65 15.41
N VAL B 105 2.68 -3.80 15.76
CA VAL B 105 2.03 -2.93 14.79
C VAL B 105 2.23 -1.54 15.34
N ARG B 106 2.66 -0.63 14.47
CA ARG B 106 2.87 0.75 14.87
C ARG B 106 1.84 1.60 14.16
N LEU B 107 1.03 2.30 14.95
CA LEU B 107 -0.01 3.15 14.41
C LEU B 107 0.32 4.61 14.61
N LEU B 108 -0.25 5.43 13.73
CA LEU B 108 -0.16 6.88 13.80
C LEU B 108 -1.65 7.16 13.86
N VAL B 109 -2.13 7.77 14.94
CA VAL B 109 -3.55 8.03 15.07
C VAL B 109 -3.82 9.47 15.47
N THR B 110 -5.08 9.87 15.40
CA THR B 110 -5.44 11.21 15.78
C THR B 110 -6.82 11.19 16.42
N ARG B 111 -7.07 12.15 17.28
CA ARG B 111 -8.35 12.28 17.95
C ARG B 111 -8.45 13.76 18.29
N GLN B 112 -9.67 14.26 18.41
CA GLN B 112 -9.88 15.68 18.69
C GLN B 112 -9.19 16.20 19.96
N SER B 113 -9.25 15.45 21.04
CA SER B 113 -8.64 15.91 22.29
C SER B 113 -7.16 16.23 22.19
N LEU B 114 -6.47 15.65 21.22
CA LEU B 114 -5.04 15.93 21.05
C LEU B 114 -4.81 17.38 20.66
N GLN B 115 -5.85 18.02 20.11
CA GLN B 115 -5.74 19.42 19.71
C GLN B 115 -5.40 20.28 20.92
N LYS B 116 -5.77 19.81 22.11
CA LYS B 116 -5.49 20.55 23.34
C LYS B 116 -3.99 20.62 23.63
N ALA B 117 -3.24 19.62 23.18
CA ALA B 117 -1.80 19.58 23.41
C ALA B 117 -1.08 20.70 22.66
N VAL B 118 -1.51 20.92 21.42
CA VAL B 118 -0.92 21.98 20.60
C VAL B 118 -1.18 23.30 21.30
N GLN B 119 -2.40 23.49 21.77
CA GLN B 119 -2.76 24.71 22.47
C GLN B 119 -1.86 24.92 23.68
N GLN B 120 -1.65 23.88 24.46
CA GLN B 120 -0.79 23.96 25.64
C GLN B 120 0.65 24.28 25.28
N SER B 121 1.11 23.78 24.14
CA SER B 121 2.47 24.05 23.68
C SER B 121 2.65 25.54 23.39
N MET B 122 1.58 26.27 23.12
CA MET B 122 1.68 27.72 22.77
C MET B 122 1.50 28.63 24.00
N LEU B 123 1.43 28.05 25.20
CA LEU B 123 1.14 28.79 26.40
C LEU B 123 2.26 29.01 27.39
#